data_4JQH
#
_entry.id   4JQH
#
_cell.length_a   122.191
_cell.length_b   122.191
_cell.length_c   122.191
_cell.angle_alpha   90.00
_cell.angle_beta   90.00
_cell.angle_gamma   90.00
#
_symmetry.space_group_name_H-M   'P 21 3'
#
loop_
_entity.id
_entity.type
_entity.pdbx_description
1 polymer 'Alr2278 protein'
2 non-polymer "4-{[(4-carboxybutyl)(2-{2-[(4'-phenoxybiphenyl-4-yl)methoxy]phenyl}ethyl)amino]methyl}benzoic acid"
3 non-polymer 'MALONIC ACID'
4 water water
#
_entity_poly.entity_id   1
_entity_poly.type   'polypeptide(L)'
_entity_poly.pdbx_seq_one_letter_code
;MYGLVNKAIQDMISKHHGEDTWEAIKQKAGLEDIDFFVGMEAYSDDVTYHLVGAASEVLGKPAEELLIAFGEYWVTYTSE
EGYGELLASAGDSLPEFMENLDNLHARVGLSFPQLRPPAFECQHTSSKSMELHYQSTRAGLAPMVLGLLHGLGKRFQTKV
EVTQTAFRETGEDHDIFSIKYEDSNLYDD
;
_entity_poly.pdbx_strand_id   A,B
#
# COMPACT_ATOMS: atom_id res chain seq x y z
N MET A 1 -2.56 10.08 -7.06
CA MET A 1 -2.69 10.46 -5.63
C MET A 1 -3.70 11.59 -5.54
N TYR A 2 -4.19 11.88 -4.33
CA TYR A 2 -5.04 13.05 -4.14
C TYR A 2 -4.37 14.33 -4.66
N GLY A 3 -5.20 15.19 -5.25
CA GLY A 3 -4.74 16.36 -6.00
C GLY A 3 -3.84 17.30 -5.25
N LEU A 4 -3.81 17.20 -3.92
CA LEU A 4 -2.99 18.09 -3.10
C LEU A 4 -1.50 17.83 -3.39
N VAL A 5 -1.20 16.58 -3.75
CA VAL A 5 0.17 16.20 -4.04
C VAL A 5 0.64 16.93 -5.31
N ASN A 6 -0.21 16.93 -6.33
CA ASN A 6 0.12 17.60 -7.59
C ASN A 6 0.10 19.13 -7.50
N LYS A 7 -0.75 19.68 -6.64
CA LYS A 7 -0.75 21.12 -6.32
C LYS A 7 0.53 21.51 -5.62
N ALA A 8 1.01 20.65 -4.73
CA ALA A 8 2.28 20.93 -4.04
C ALA A 8 3.48 20.92 -5.01
N ILE A 9 3.51 19.98 -5.95
CA ILE A 9 4.57 19.93 -6.98
C ILE A 9 4.52 21.21 -7.79
N GLN A 10 3.31 21.55 -8.25
CA GLN A 10 3.07 22.79 -9.00
C GLN A 10 3.53 24.00 -8.22
N ASP A 11 3.13 24.08 -6.96
CA ASP A 11 3.54 25.19 -6.13
C ASP A 11 5.06 25.27 -5.99
N MET A 12 5.69 24.12 -5.75
CA MET A 12 7.13 24.09 -5.51
C MET A 12 7.88 24.58 -6.75
N ILE A 13 7.59 23.98 -7.90
CA ILE A 13 8.21 24.36 -9.15
C ILE A 13 7.98 25.83 -9.49
N SER A 14 6.72 26.26 -9.47
CA SER A 14 6.34 27.66 -9.68
C SER A 14 7.14 28.62 -8.82
N LYS A 15 7.17 28.34 -7.51
CA LYS A 15 7.88 29.21 -6.58
C LYS A 15 9.39 29.25 -6.86
N HIS A 16 9.99 28.06 -6.99
CA HIS A 16 11.44 27.94 -7.18
C HIS A 16 11.96 28.32 -8.57
N HIS A 17 11.13 28.15 -9.60
CA HIS A 17 11.57 28.27 -11.00
C HIS A 17 10.72 29.18 -11.88
N GLY A 18 9.58 29.60 -11.36
CA GLY A 18 8.67 30.49 -12.12
C GLY A 18 7.54 29.72 -12.78
N GLU A 19 6.52 30.46 -13.20
CA GLU A 19 5.32 29.90 -13.82
C GLU A 19 5.55 29.55 -15.31
N ASP A 20 6.47 30.25 -15.93
CA ASP A 20 6.91 29.94 -17.30
C ASP A 20 7.50 28.52 -17.39
N THR A 21 8.29 28.12 -16.39
CA THR A 21 8.83 26.76 -16.31
C THR A 21 7.73 25.76 -15.92
N TRP A 22 6.90 26.10 -14.94
CA TRP A 22 5.80 25.21 -14.58
C TRP A 22 4.96 24.81 -15.79
N GLU A 23 4.56 25.80 -16.59
CA GLU A 23 3.70 25.55 -17.75
C GLU A 23 4.38 24.58 -18.71
N ALA A 24 5.66 24.82 -18.99
CA ALA A 24 6.44 23.95 -19.88
C ALA A 24 6.46 22.51 -19.36
N ILE A 25 6.56 22.35 -18.05
CA ILE A 25 6.59 21.03 -17.41
C ILE A 25 5.22 20.35 -17.50
N LYS A 26 4.17 21.10 -17.16
CA LYS A 26 2.80 20.63 -17.35
C LYS A 26 2.55 20.30 -18.82
N GLN A 27 3.03 21.17 -19.72
CA GLN A 27 3.02 20.91 -21.16
C GLN A 27 3.82 19.64 -21.52
N LYS A 28 5.05 19.55 -21.04
CA LYS A 28 5.91 18.37 -21.28
C LYS A 28 5.31 17.06 -20.77
N ALA A 29 4.69 17.09 -19.57
CA ALA A 29 4.00 15.92 -19.04
C ALA A 29 2.73 15.57 -19.84
N GLY A 30 2.31 16.49 -20.71
CA GLY A 30 1.14 16.28 -21.56
C GLY A 30 -0.16 16.43 -20.79
N LEU A 31 -0.14 17.37 -19.85
CA LEU A 31 -1.27 17.60 -18.96
C LEU A 31 -1.74 19.05 -19.06
N GLU A 32 -1.71 19.60 -20.27
CA GLU A 32 -2.15 20.99 -20.52
C GLU A 32 -3.66 21.14 -20.43
N ASP A 33 -4.37 20.03 -20.64
CA ASP A 33 -5.83 20.03 -20.56
CA ASP A 33 -5.83 19.97 -20.56
C ASP A 33 -6.33 20.04 -19.10
N ILE A 34 -5.39 20.13 -18.16
CA ILE A 34 -5.68 20.31 -16.74
C ILE A 34 -5.36 21.76 -16.39
N ASP A 35 -6.40 22.56 -16.12
CA ASP A 35 -6.26 24.00 -15.88
C ASP A 35 -5.70 24.29 -14.48
N PHE A 36 -6.16 23.50 -13.50
CA PHE A 36 -5.79 23.62 -12.09
C PHE A 36 -6.07 22.26 -11.48
N PHE A 37 -5.21 21.82 -10.57
CA PHE A 37 -5.45 20.58 -9.83
C PHE A 37 -6.41 20.84 -8.66
N VAL A 38 -7.25 19.85 -8.41
CA VAL A 38 -8.27 19.91 -7.39
C VAL A 38 -7.78 19.07 -6.22
N GLY A 39 -7.56 19.72 -5.07
CA GLY A 39 -6.88 19.10 -3.91
C GLY A 39 -7.51 17.88 -3.30
N MET A 40 -8.83 17.77 -3.40
CA MET A 40 -9.58 16.70 -2.73
C MET A 40 -10.14 15.72 -3.74
N GLU A 41 -9.62 15.80 -4.97
CA GLU A 41 -9.97 14.88 -6.04
C GLU A 41 -8.86 13.86 -6.19
N ALA A 42 -9.25 12.59 -6.35
CA ALA A 42 -8.28 11.52 -6.52
C ALA A 42 -7.86 11.43 -7.99
N TYR A 43 -6.56 11.54 -8.22
CA TYR A 43 -6.01 11.47 -9.56
C TYR A 43 -5.26 10.17 -9.77
N SER A 44 -5.05 9.84 -11.04
CA SER A 44 -4.19 8.73 -11.40
C SER A 44 -2.77 9.06 -10.97
N ASP A 45 -2.14 8.11 -10.27
CA ASP A 45 -0.72 8.26 -9.90
C ASP A 45 0.18 8.73 -11.04
N ASP A 46 -0.19 8.35 -12.26
CA ASP A 46 0.64 8.57 -13.45
C ASP A 46 0.87 10.04 -13.65
N VAL A 47 -0.13 10.83 -13.24
CA VAL A 47 -0.08 12.28 -13.36
C VAL A 47 1.06 12.82 -12.52
N THR A 48 1.29 12.22 -11.34
CA THR A 48 2.40 12.62 -10.47
C THR A 48 3.72 12.24 -11.12
N TYR A 49 3.86 10.95 -11.40
CA TYR A 49 5.00 10.39 -12.12
C TYR A 49 5.40 11.14 -13.38
N HIS A 50 4.41 11.61 -14.16
CA HIS A 50 4.69 12.34 -15.39
C HIS A 50 5.23 13.74 -15.13
N LEU A 51 4.70 14.40 -14.11
CA LEU A 51 5.16 15.72 -13.72
C LEU A 51 6.60 15.65 -13.19
N VAL A 52 6.88 14.64 -12.38
CA VAL A 52 8.24 14.41 -11.86
C VAL A 52 9.19 14.10 -13.01
N GLY A 53 8.80 13.19 -13.89
CA GLY A 53 9.59 12.81 -15.09
C GLY A 53 9.80 13.96 -16.05
N ALA A 54 8.74 14.73 -16.30
CA ALA A 54 8.83 15.88 -17.19
C ALA A 54 9.56 17.08 -16.58
N ALA A 55 9.44 17.26 -15.26
CA ALA A 55 10.20 18.30 -14.53
C ALA A 55 11.68 17.96 -14.52
N SER A 56 11.96 16.66 -14.54
CA SER A 56 13.34 16.17 -14.55
C SER A 56 14.03 16.58 -15.84
N GLU A 57 13.35 16.34 -16.96
CA GLU A 57 13.80 16.79 -18.27
C GLU A 57 13.99 18.30 -18.37
N VAL A 58 12.94 19.07 -18.02
CA VAL A 58 12.97 20.51 -18.18
C VAL A 58 14.07 21.15 -17.32
N LEU A 59 14.13 20.76 -16.05
CA LEU A 59 15.11 21.33 -15.13
C LEU A 59 16.48 20.68 -15.28
N GLY A 60 16.54 19.57 -16.01
CA GLY A 60 17.78 18.81 -16.16
C GLY A 60 18.32 18.37 -14.81
N LYS A 61 17.47 17.70 -14.05
CA LYS A 61 17.84 17.10 -12.76
C LYS A 61 17.25 15.70 -12.68
N PRO A 62 17.94 14.76 -12.01
CA PRO A 62 17.30 13.45 -11.85
C PRO A 62 16.00 13.48 -11.06
N ALA A 63 15.05 12.63 -11.47
CA ALA A 63 13.75 12.57 -10.80
C ALA A 63 13.94 12.40 -9.30
N GLU A 64 14.94 11.62 -8.92
CA GLU A 64 15.14 11.28 -7.53
C GLU A 64 15.61 12.45 -6.69
N GLU A 65 16.28 13.39 -7.34
CA GLU A 65 16.73 14.61 -6.68
C GLU A 65 15.56 15.55 -6.44
N LEU A 66 14.70 15.66 -7.45
CA LEU A 66 13.45 16.41 -7.29
C LEU A 66 12.51 15.82 -6.21
N LEU A 67 12.51 14.49 -6.07
CA LEU A 67 11.63 13.80 -5.11
C LEU A 67 12.05 14.08 -3.68
N ILE A 68 13.36 14.22 -3.48
CA ILE A 68 13.91 14.60 -2.19
C ILE A 68 13.44 16.03 -1.89
N ALA A 69 13.73 16.93 -2.82
CA ALA A 69 13.33 18.33 -2.71
C ALA A 69 11.86 18.38 -2.40
N PHE A 70 11.07 17.56 -3.11
CA PHE A 70 9.64 17.56 -2.96
C PHE A 70 9.17 17.06 -1.59
N GLY A 71 9.76 15.96 -1.10
CA GLY A 71 9.46 15.47 0.27
C GLY A 71 9.68 16.52 1.36
N GLU A 72 10.82 17.21 1.27
CA GLU A 72 11.11 18.35 2.15
C GLU A 72 10.06 19.47 2.05
N TYR A 73 9.66 19.81 0.82
CA TYR A 73 8.67 20.86 0.61
C TYR A 73 7.27 20.54 1.17
N TRP A 74 6.91 19.25 1.13
CA TRP A 74 5.59 18.76 1.52
C TRP A 74 5.28 19.04 2.98
N VAL A 75 6.26 18.84 3.84
CA VAL A 75 6.14 19.13 5.27
C VAL A 75 5.69 20.59 5.53
N THR A 76 6.35 21.53 4.86
CA THR A 76 6.04 22.98 4.95
C THR A 76 4.74 23.33 4.27
N TYR A 77 4.53 22.76 3.09
CA TYR A 77 3.37 23.08 2.29
C TYR A 77 2.08 22.71 3.01
N THR A 78 2.05 21.52 3.62
CA THR A 78 0.84 21.05 4.30
C THR A 78 0.59 21.81 5.60
N SER A 79 1.68 22.20 6.26
CA SER A 79 1.64 23.11 7.40
C SER A 79 0.88 24.42 7.11
N GLU A 80 1.07 24.96 5.90
CA GLU A 80 0.55 26.28 5.54
C GLU A 80 -0.76 26.30 4.74
N GLU A 81 -1.15 25.15 4.20
CA GLU A 81 -2.33 25.08 3.32
C GLU A 81 -3.53 24.24 3.86
N GLY A 82 -3.70 24.20 5.19
CA GLY A 82 -4.87 23.52 5.75
C GLY A 82 -4.64 22.29 6.61
N TYR A 83 -3.37 21.92 6.81
CA TYR A 83 -3.04 20.71 7.56
C TYR A 83 -2.06 20.97 8.68
N GLY A 84 -1.84 22.26 8.95
CA GLY A 84 -1.01 22.74 10.09
C GLY A 84 -1.33 22.08 11.41
N GLU A 85 -2.61 22.03 11.74
CA GLU A 85 -3.11 21.52 13.00
C GLU A 85 -2.98 20.01 13.02
N LEU A 86 -3.36 19.39 11.92
CA LEU A 86 -3.21 17.96 11.75
C LEU A 86 -1.74 17.57 11.99
N LEU A 87 -0.83 18.30 11.34
CA LEU A 87 0.58 18.05 11.49
C LEU A 87 1.02 18.22 12.93
N ALA A 88 0.53 19.29 13.57
CA ALA A 88 0.88 19.59 14.95
C ALA A 88 0.46 18.46 15.85
N SER A 89 -0.75 17.94 15.65
CA SER A 89 -1.31 16.85 16.45
C SER A 89 -0.48 15.58 16.44
N ALA A 90 0.43 15.44 15.46
CA ALA A 90 1.22 14.20 15.33
C ALA A 90 2.52 14.23 16.11
N GLY A 91 2.77 15.31 16.86
CA GLY A 91 3.85 15.28 17.85
C GLY A 91 4.89 16.37 17.81
N ASP A 92 5.76 16.35 18.83
CA ASP A 92 6.74 17.39 19.07
C ASP A 92 8.14 16.87 18.80
N SER A 93 8.25 15.73 18.12
CA SER A 93 9.56 15.18 17.74
C SER A 93 9.51 14.17 16.62
N LEU A 94 10.66 13.95 15.99
CA LEU A 94 10.78 13.04 14.84
C LEU A 94 10.37 11.59 15.15
N PRO A 95 10.94 10.97 16.23
CA PRO A 95 10.48 9.62 16.61
C PRO A 95 8.97 9.54 16.90
N GLU A 96 8.40 10.59 17.47
CA GLU A 96 6.98 10.56 17.84
C GLU A 96 6.12 10.71 16.59
N PHE A 97 6.44 11.71 15.79
CA PHE A 97 5.75 11.94 14.52
C PHE A 97 5.69 10.68 13.65
N MET A 98 6.85 10.06 13.45
CA MET A 98 6.91 8.84 12.65
C MET A 98 6.05 7.73 13.29
N GLU A 99 6.09 7.64 14.60
CA GLU A 99 5.28 6.64 15.32
C GLU A 99 3.75 6.90 15.18
N ASN A 100 3.37 8.16 14.95
CA ASN A 100 1.97 8.57 14.82
C ASN A 100 1.47 8.66 13.41
N LEU A 101 2.38 8.47 12.47
CA LEU A 101 2.05 8.64 11.07
C LEU A 101 0.94 7.70 10.60
N ASP A 102 0.97 6.43 11.03
CA ASP A 102 -0.09 5.49 10.63
C ASP A 102 -1.47 5.99 11.09
N ASN A 103 -1.50 6.72 12.19
CA ASN A 103 -2.76 7.33 12.73
C ASN A 103 -3.12 8.66 12.09
N LEU A 104 -2.10 9.47 11.82
CA LEU A 104 -2.28 10.64 10.98
C LEU A 104 -2.95 10.28 9.65
N HIS A 105 -2.56 9.16 9.05
CA HIS A 105 -3.17 8.75 7.78
C HIS A 105 -4.57 8.15 7.97
N ALA A 106 -4.83 7.57 9.13
CA ALA A 106 -6.18 7.09 9.42
C ALA A 106 -7.13 8.29 9.41
N ARG A 107 -6.75 9.37 10.09
CA ARG A 107 -7.56 10.59 10.16
C ARG A 107 -7.64 11.31 8.84
N VAL A 108 -6.59 11.21 8.04
CA VAL A 108 -6.67 11.75 6.69
C VAL A 108 -7.65 10.90 5.88
N GLY A 109 -7.76 9.60 6.20
CA GLY A 109 -8.66 8.67 5.48
C GLY A 109 -10.12 8.70 5.91
N LEU A 110 -10.62 9.91 6.15
CA LEU A 110 -12.04 10.18 6.36
C LEU A 110 -12.25 11.45 5.57
N SER A 111 -11.16 11.83 4.91
CA SER A 111 -11.03 13.06 4.17
C SER A 111 -9.79 12.93 3.27
N PHE A 112 -9.87 12.11 2.22
CA PHE A 112 -11.08 11.36 1.84
C PHE A 112 -10.74 9.87 1.76
N PRO A 113 -11.74 8.98 1.97
CA PRO A 113 -11.55 7.52 2.03
C PRO A 113 -10.81 6.80 0.89
N GLN A 114 -10.55 7.47 -0.24
CA GLN A 114 -9.79 6.86 -1.38
C GLN A 114 -8.24 7.00 -1.26
N LEU A 115 -7.79 7.44 -0.09
CA LEU A 115 -6.38 7.55 0.23
C LEU A 115 -5.72 6.15 0.27
N ARG A 116 -4.56 6.02 -0.37
CA ARG A 116 -3.78 4.81 -0.20
C ARG A 116 -2.53 5.12 0.62
N PRO A 117 -2.67 5.13 1.95
CA PRO A 117 -1.51 5.54 2.76
C PRO A 117 -0.43 4.46 2.87
N PRO A 118 0.84 4.87 2.90
CA PRO A 118 1.93 3.93 3.14
C PRO A 118 1.96 3.52 4.62
N ALA A 119 2.58 2.40 4.94
CA ALA A 119 2.76 2.05 6.35
C ALA A 119 4.22 2.21 6.78
N PHE A 120 4.42 2.86 7.92
CA PHE A 120 5.73 3.13 8.47
C PHE A 120 5.84 2.43 9.82
N GLU A 121 6.77 1.48 9.90
CA GLU A 121 7.09 0.83 11.17
C GLU A 121 8.48 1.26 11.62
N CYS A 122 8.57 1.65 12.90
CA CYS A 122 9.79 2.12 13.57
C CYS A 122 10.30 1.11 14.60
N GLN A 123 11.52 0.63 14.40
CA GLN A 123 12.26 -0.11 15.43
C GLN A 123 13.26 0.89 15.98
N HIS A 124 13.06 1.34 17.21
CA HIS A 124 13.95 2.30 17.84
C HIS A 124 15.20 1.60 18.38
N THR A 125 16.34 1.84 17.73
CA THR A 125 17.59 1.17 18.07
C THR A 125 18.37 1.85 19.20
N SER A 126 17.91 3.04 19.59
CA SER A 126 18.40 3.82 20.74
C SER A 126 17.53 5.09 20.80
N SER A 127 17.81 5.98 21.75
CA SER A 127 17.08 7.25 21.82
C SER A 127 17.52 8.26 20.72
N LYS A 128 18.56 7.91 19.97
CA LYS A 128 19.00 8.73 18.85
C LYS A 128 19.15 7.93 17.53
N SER A 129 18.42 6.81 17.43
CA SER A 129 18.49 6.01 16.20
C SER A 129 17.23 5.20 15.98
N MET A 130 16.82 5.09 14.71
CA MET A 130 15.65 4.28 14.34
C MET A 130 15.93 3.49 13.06
N GLU A 131 15.34 2.31 12.98
CA GLU A 131 15.24 1.59 11.72
C GLU A 131 13.78 1.81 11.26
N LEU A 132 13.59 2.32 10.04
CA LEU A 132 12.25 2.68 9.56
C LEU A 132 11.85 1.80 8.38
N HIS A 133 10.79 1.03 8.54
CA HIS A 133 10.33 0.15 7.46
C HIS A 133 9.20 0.89 6.74
N TYR A 134 9.44 1.23 5.47
CA TYR A 134 8.48 2.01 4.69
C TYR A 134 7.82 1.07 3.69
N GLN A 135 6.51 0.89 3.82
CA GLN A 135 5.76 -0.04 2.95
C GLN A 135 4.68 0.70 2.15
N SER A 136 4.73 0.59 0.83
CA SER A 136 3.86 1.44 0.02
C SER A 136 3.19 0.67 -1.07
N THR A 137 1.95 1.06 -1.39
CA THR A 137 1.32 0.59 -2.61
C THR A 137 1.95 1.27 -3.85
N ARG A 138 2.83 2.25 -3.63
CA ARG A 138 3.44 3.00 -4.75
C ARG A 138 4.91 2.63 -4.93
N ALA A 139 5.42 2.74 -6.17
CA ALA A 139 6.86 2.58 -6.44
C ALA A 139 7.59 3.93 -6.63
N GLY A 140 8.86 3.98 -6.25
CA GLY A 140 9.70 5.12 -6.64
C GLY A 140 9.69 6.39 -5.79
N LEU A 141 9.18 6.30 -4.56
CA LEU A 141 8.98 7.49 -3.72
C LEU A 141 9.85 7.43 -2.47
N ALA A 142 10.58 6.33 -2.33
CA ALA A 142 11.66 6.27 -1.36
C ALA A 142 12.47 7.57 -1.24
N PRO A 143 12.93 8.16 -2.38
CA PRO A 143 13.66 9.43 -2.21
C PRO A 143 12.80 10.55 -1.63
N MET A 144 11.50 10.52 -1.90
CA MET A 144 10.59 11.49 -1.29
C MET A 144 10.53 11.27 0.22
N VAL A 145 10.47 10.00 0.64
CA VAL A 145 10.49 9.69 2.07
C VAL A 145 11.75 10.28 2.70
N LEU A 146 12.88 10.11 2.01
CA LEU A 146 14.14 10.69 2.49
C LEU A 146 14.02 12.21 2.72
N GLY A 147 13.41 12.91 1.75
CA GLY A 147 13.17 14.35 1.86
C GLY A 147 12.19 14.67 2.98
N LEU A 148 11.16 13.84 3.12
CA LEU A 148 10.15 14.03 4.17
C LEU A 148 10.85 13.95 5.52
N LEU A 149 11.73 12.96 5.69
CA LEU A 149 12.49 12.83 6.93
C LEU A 149 13.35 14.08 7.22
N HIS A 150 13.98 14.62 6.19
CA HIS A 150 14.75 15.84 6.39
C HIS A 150 13.89 17.07 6.67
N GLY A 151 12.71 17.12 6.04
CA GLY A 151 11.70 18.11 6.35
C GLY A 151 11.26 18.10 7.81
N LEU A 152 11.10 16.90 8.39
CA LEU A 152 10.72 16.77 9.78
C LEU A 152 11.81 17.24 10.71
N GLY A 153 13.05 16.92 10.35
CA GLY A 153 14.22 17.39 11.10
C GLY A 153 14.25 18.91 11.16
N LYS A 154 14.07 19.56 10.01
CA LYS A 154 13.90 21.00 9.92
C LYS A 154 12.81 21.45 10.89
N ARG A 155 11.65 20.81 10.78
CA ARG A 155 10.46 21.19 11.53
C ARG A 155 10.70 21.15 13.05
N PHE A 156 11.42 20.13 13.50
CA PHE A 156 11.68 19.93 14.92
C PHE A 156 13.08 20.38 15.26
N GLN A 157 13.69 21.15 14.35
CA GLN A 157 15.07 21.60 14.50
C GLN A 157 15.94 20.51 15.13
N THR A 158 16.02 19.38 14.42
CA THR A 158 16.81 18.22 14.81
C THR A 158 17.73 17.87 13.64
N LYS A 159 18.99 17.57 13.96
CA LYS A 159 19.94 17.06 12.98
C LYS A 159 19.64 15.60 12.73
N VAL A 160 19.66 15.21 11.45
CA VAL A 160 19.11 13.94 11.03
C VAL A 160 19.87 13.37 9.82
N GLU A 161 20.32 12.13 9.94
CA GLU A 161 21.04 11.47 8.86
C GLU A 161 20.23 10.27 8.46
N VAL A 162 19.86 10.20 7.20
CA VAL A 162 19.07 9.09 6.74
C VAL A 162 19.84 8.31 5.71
N THR A 163 19.89 7.00 5.90
CA THR A 163 20.55 6.13 4.95
C THR A 163 19.63 5.02 4.56
N GLN A 164 19.35 4.85 3.27
CA GLN A 164 18.53 3.69 2.88
C GLN A 164 19.34 2.40 2.87
N THR A 165 18.75 1.33 3.40
CA THR A 165 19.41 0.06 3.71
C THR A 165 18.92 -1.18 2.92
N ALA A 166 17.69 -1.12 2.41
CA ALA A 166 17.06 -2.16 1.61
C ALA A 166 16.15 -1.40 0.65
N PHE A 167 16.02 -1.89 -0.59
CA PHE A 167 15.37 -1.08 -1.65
C PHE A 167 14.29 -1.90 -2.34
N ARG A 168 13.05 -1.45 -2.24
CA ARG A 168 11.92 -2.13 -2.90
C ARG A 168 12.16 -2.32 -4.41
N GLU A 169 12.82 -1.37 -5.06
CA GLU A 169 12.90 -1.33 -6.52
C GLU A 169 13.86 -2.36 -7.08
N THR A 170 14.72 -2.91 -6.22
CA THR A 170 15.60 -4.04 -6.59
C THR A 170 14.90 -5.40 -6.35
N GLY A 171 13.68 -5.35 -5.82
CA GLY A 171 12.89 -6.55 -5.54
C GLY A 171 12.89 -7.01 -4.08
N GLU A 172 13.44 -6.17 -3.19
CA GLU A 172 13.35 -6.41 -1.75
C GLU A 172 11.97 -6.07 -1.31
N ASP A 173 11.51 -6.68 -0.22
CA ASP A 173 10.11 -6.58 0.14
C ASP A 173 9.62 -5.13 0.29
N HIS A 174 10.37 -4.32 1.02
CA HIS A 174 10.04 -2.92 1.26
C HIS A 174 11.31 -2.15 1.56
N ASP A 175 11.28 -0.85 1.28
CA ASP A 175 12.39 0.05 1.61
C ASP A 175 12.60 0.09 3.10
N ILE A 176 13.85 0.19 3.52
CA ILE A 176 14.23 0.28 4.94
C ILE A 176 15.24 1.44 5.08
N PHE A 177 14.99 2.34 6.00
CA PHE A 177 15.91 3.45 6.21
C PHE A 177 16.50 3.33 7.59
N SER A 178 17.80 3.61 7.69
CA SER A 178 18.47 3.76 8.98
C SER A 178 18.57 5.25 9.29
N ILE A 179 18.18 5.63 10.50
CA ILE A 179 18.12 7.05 10.85
C ILE A 179 18.78 7.34 12.19
N LYS A 180 19.71 8.28 12.19
CA LYS A 180 20.28 8.86 13.39
C LYS A 180 19.77 10.29 13.47
N TYR A 181 19.43 10.71 14.69
CA TYR A 181 18.82 12.02 14.93
C TYR A 181 19.23 12.52 16.32
N GLU A 182 19.51 13.81 16.44
CA GLU A 182 20.02 14.38 17.69
C GLU A 182 18.91 14.97 18.56
N MET B 1 -1.25 -8.05 9.54
CA MET B 1 -2.65 -8.03 9.00
C MET B 1 -3.65 -8.24 10.14
N TYR B 2 -4.88 -7.75 9.96
CA TYR B 2 -5.92 -7.98 10.97
C TYR B 2 -6.05 -9.45 11.29
N GLY B 3 -6.48 -9.74 12.52
CA GLY B 3 -6.51 -11.11 13.04
C GLY B 3 -7.41 -12.03 12.24
N LEU B 4 -8.44 -11.46 11.62
CA LEU B 4 -9.35 -12.17 10.70
C LEU B 4 -8.58 -13.06 9.72
N VAL B 5 -7.50 -12.53 9.17
CA VAL B 5 -6.66 -13.23 8.19
C VAL B 5 -6.03 -14.48 8.80
N ASN B 6 -5.47 -14.36 10.01
CA ASN B 6 -4.79 -15.49 10.63
C ASN B 6 -5.83 -16.50 11.14
N LYS B 7 -6.97 -15.99 11.58
CA LYS B 7 -8.12 -16.84 11.90
C LYS B 7 -8.62 -17.63 10.69
N ALA B 8 -8.55 -17.01 9.50
CA ALA B 8 -8.97 -17.68 8.27
C ALA B 8 -7.99 -18.81 7.92
N ILE B 9 -6.72 -18.53 8.05
CA ILE B 9 -5.68 -19.51 7.79
C ILE B 9 -5.85 -20.68 8.75
N GLN B 10 -5.91 -20.38 10.05
CA GLN B 10 -6.14 -21.41 11.07
C GLN B 10 -7.39 -22.20 10.79
N ASP B 11 -8.38 -21.54 10.21
CA ASP B 11 -9.60 -22.24 9.91
C ASP B 11 -9.45 -23.21 8.75
N MET B 12 -8.89 -22.79 7.62
CA MET B 12 -8.84 -23.77 6.51
C MET B 12 -7.88 -24.92 6.75
N ILE B 13 -6.75 -24.65 7.36
CA ILE B 13 -5.80 -25.70 7.72
C ILE B 13 -6.39 -26.76 8.64
N SER B 14 -7.03 -26.31 9.73
CA SER B 14 -7.61 -27.22 10.71
C SER B 14 -8.92 -27.84 10.22
N LYS B 15 -9.58 -27.20 9.25
CA LYS B 15 -10.71 -27.83 8.59
C LYS B 15 -10.22 -28.97 7.69
N HIS B 16 -9.23 -28.67 6.85
CA HIS B 16 -8.77 -29.60 5.80
C HIS B 16 -7.83 -30.70 6.26
N HIS B 17 -7.02 -30.41 7.27
CA HIS B 17 -5.96 -31.33 7.69
C HIS B 17 -6.05 -31.85 9.13
N GLY B 18 -6.68 -31.07 9.99
CA GLY B 18 -6.91 -31.48 11.37
C GLY B 18 -6.29 -30.55 12.38
N GLU B 19 -6.93 -30.45 13.54
CA GLU B 19 -6.49 -29.62 14.66
C GLU B 19 -5.06 -29.95 15.09
N ASP B 20 -4.69 -31.22 14.93
CA ASP B 20 -3.37 -31.74 15.28
C ASP B 20 -2.32 -31.03 14.43
N THR B 21 -2.42 -31.19 13.12
CA THR B 21 -1.53 -30.53 12.15
C THR B 21 -1.52 -29.00 12.23
N TRP B 22 -2.65 -28.38 12.59
CA TRP B 22 -2.66 -26.93 12.80
C TRP B 22 -1.76 -26.48 13.97
N GLU B 23 -1.85 -27.18 15.09
CA GLU B 23 -1.07 -26.81 16.27
C GLU B 23 0.41 -27.10 15.98
N ALA B 24 0.65 -28.12 15.15
CA ALA B 24 1.99 -28.40 14.67
C ALA B 24 2.53 -27.20 13.90
N ILE B 25 1.74 -26.72 12.92
CA ILE B 25 2.14 -25.60 12.08
C ILE B 25 2.37 -24.36 12.93
N LYS B 26 1.43 -24.14 13.85
CA LYS B 26 1.48 -23.07 14.85
C LYS B 26 2.76 -23.12 15.67
N GLN B 27 3.12 -24.31 16.15
CA GLN B 27 4.39 -24.53 16.86
C GLN B 27 5.59 -24.11 16.01
N LYS B 28 5.68 -24.68 14.81
CA LYS B 28 6.76 -24.39 13.84
C LYS B 28 6.93 -22.88 13.54
N ALA B 29 5.81 -22.17 13.43
CA ALA B 29 5.82 -20.72 13.16
C ALA B 29 6.31 -19.89 14.36
N GLY B 30 6.56 -20.56 15.48
CA GLY B 30 6.97 -19.91 16.72
C GLY B 30 5.84 -19.11 17.36
N LEU B 31 4.62 -19.63 17.22
CA LEU B 31 3.40 -18.92 17.58
C LEU B 31 2.55 -19.71 18.56
N GLU B 32 3.17 -20.72 19.18
CA GLU B 32 2.58 -21.51 20.25
C GLU B 32 2.19 -20.63 21.45
N ASP B 33 2.84 -19.46 21.56
CA ASP B 33 2.67 -18.57 22.70
C ASP B 33 1.26 -17.99 22.82
N ILE B 34 0.74 -17.50 21.70
CA ILE B 34 -0.60 -16.90 21.65
C ILE B 34 -1.71 -17.95 21.51
N ASP B 35 -2.81 -17.74 22.23
CA ASP B 35 -3.86 -18.74 22.42
C ASP B 35 -4.78 -18.88 21.22
N PHE B 36 -5.27 -17.73 20.76
CA PHE B 36 -6.27 -17.62 19.69
C PHE B 36 -6.06 -16.26 19.08
N PHE B 37 -6.24 -16.15 17.77
CA PHE B 37 -6.10 -14.86 17.11
C PHE B 37 -7.35 -14.04 17.34
N VAL B 38 -7.17 -12.74 17.56
CA VAL B 38 -8.29 -11.81 17.74
C VAL B 38 -8.66 -11.12 16.42
N GLY B 39 -9.84 -11.46 15.89
CA GLY B 39 -10.29 -10.97 14.61
C GLY B 39 -10.08 -9.50 14.27
N MET B 40 -10.31 -8.61 15.22
CA MET B 40 -10.26 -7.17 14.94
C MET B 40 -9.00 -6.48 15.50
N GLU B 41 -8.01 -7.29 15.88
CA GLU B 41 -6.75 -6.82 16.37
C GLU B 41 -5.78 -6.88 15.21
N ALA B 42 -5.03 -5.79 14.98
CA ALA B 42 -4.01 -5.79 13.94
C ALA B 42 -2.77 -6.53 14.45
N TYR B 43 -2.25 -7.41 13.61
CA TYR B 43 -1.03 -8.17 13.90
C TYR B 43 0.05 -7.69 12.95
N SER B 44 1.30 -8.05 13.22
CA SER B 44 2.34 -7.77 12.23
C SER B 44 2.39 -8.92 11.22
N ASP B 45 2.59 -8.54 9.96
CA ASP B 45 2.51 -9.43 8.81
C ASP B 45 3.28 -10.73 8.94
N ASP B 46 4.38 -10.69 9.70
CA ASP B 46 5.26 -11.85 9.83
C ASP B 46 4.54 -13.06 10.37
N VAL B 47 3.53 -12.80 11.20
CA VAL B 47 2.73 -13.86 11.80
C VAL B 47 2.06 -14.66 10.67
N THR B 48 1.68 -13.96 9.61
CA THR B 48 1.03 -14.55 8.46
C THR B 48 2.09 -15.28 7.62
N TYR B 49 3.14 -14.59 7.23
CA TYR B 49 4.25 -15.27 6.50
C TYR B 49 4.78 -16.50 7.21
N HIS B 50 5.05 -16.38 8.51
CA HIS B 50 5.54 -17.51 9.30
C HIS B 50 4.56 -18.65 9.39
N LEU B 51 3.27 -18.34 9.42
CA LEU B 51 2.26 -19.36 9.35
C LEU B 51 2.23 -20.02 7.98
N VAL B 52 2.37 -19.21 6.92
CA VAL B 52 2.37 -19.74 5.54
C VAL B 52 3.68 -20.50 5.27
N GLY B 53 4.79 -19.93 5.73
CA GLY B 53 6.09 -20.61 5.68
C GLY B 53 6.05 -21.91 6.46
N ALA B 54 5.58 -21.84 7.71
CA ALA B 54 5.45 -23.04 8.55
C ALA B 54 4.46 -24.07 8.01
N ALA B 55 3.40 -23.62 7.34
CA ALA B 55 2.43 -24.53 6.74
C ALA B 55 3.03 -25.25 5.52
N SER B 56 3.87 -24.54 4.79
CA SER B 56 4.58 -25.07 3.64
C SER B 56 5.40 -26.30 4.00
N GLU B 57 6.19 -26.18 5.07
CA GLU B 57 7.04 -27.29 5.53
C GLU B 57 6.21 -28.42 6.16
N VAL B 58 5.32 -28.09 7.09
CA VAL B 58 4.55 -29.15 7.74
C VAL B 58 3.75 -29.96 6.72
N LEU B 59 3.17 -29.28 5.73
CA LEU B 59 2.29 -29.95 4.75
C LEU B 59 3.08 -30.45 3.55
N GLY B 60 4.36 -30.05 3.48
CA GLY B 60 5.20 -30.38 2.34
C GLY B 60 4.50 -29.91 1.07
N LYS B 61 4.08 -28.65 1.11
CA LYS B 61 3.35 -28.04 0.02
C LYS B 61 4.01 -26.71 -0.24
N PRO B 62 4.15 -26.33 -1.51
CA PRO B 62 4.74 -25.00 -1.77
C PRO B 62 3.84 -23.88 -1.23
N ALA B 63 4.48 -22.83 -0.70
CA ALA B 63 3.84 -21.67 -0.11
C ALA B 63 2.78 -21.05 -1.02
N GLU B 64 3.12 -20.94 -2.30
CA GLU B 64 2.25 -20.28 -3.27
C GLU B 64 1.01 -21.11 -3.50
N GLU B 65 1.16 -22.42 -3.36
CA GLU B 65 0.02 -23.30 -3.49
C GLU B 65 -0.91 -23.10 -2.29
N LEU B 66 -0.31 -22.90 -1.11
CA LEU B 66 -1.08 -22.55 0.07
C LEU B 66 -1.70 -21.16 -0.03
N LEU B 67 -0.98 -20.20 -0.59
CA LEU B 67 -1.55 -18.87 -0.76
C LEU B 67 -2.68 -18.92 -1.77
N ILE B 68 -2.57 -19.80 -2.76
CA ILE B 68 -3.65 -19.95 -3.74
C ILE B 68 -4.93 -20.49 -3.12
N ALA B 69 -4.80 -21.59 -2.37
CA ALA B 69 -5.93 -22.19 -1.70
C ALA B 69 -6.52 -21.24 -0.67
N PHE B 70 -5.68 -20.43 -0.02
CA PHE B 70 -6.16 -19.44 0.97
C PHE B 70 -6.94 -18.30 0.34
N GLY B 71 -6.45 -17.79 -0.79
CA GLY B 71 -7.16 -16.76 -1.52
C GLY B 71 -8.59 -17.19 -1.84
N GLU B 72 -8.72 -18.41 -2.32
CA GLU B 72 -10.04 -18.96 -2.61
C GLU B 72 -10.85 -19.20 -1.34
N TYR B 73 -10.19 -19.69 -0.30
CA TYR B 73 -10.87 -19.93 0.96
C TYR B 73 -11.48 -18.65 1.55
N TRP B 74 -10.81 -17.51 1.30
CA TRP B 74 -11.09 -16.23 1.96
C TRP B 74 -12.44 -15.69 1.56
N VAL B 75 -12.76 -15.87 0.29
CA VAL B 75 -14.02 -15.44 -0.32
C VAL B 75 -15.23 -16.11 0.33
N THR B 76 -15.10 -17.40 0.65
CA THR B 76 -16.18 -18.14 1.32
C THR B 76 -16.16 -17.86 2.81
N TYR B 77 -14.97 -17.85 3.39
CA TYR B 77 -14.80 -17.62 4.82
C TYR B 77 -15.42 -16.28 5.26
N THR B 78 -15.13 -15.23 4.51
CA THR B 78 -15.59 -13.92 4.91
C THR B 78 -17.09 -13.78 4.75
N SER B 79 -17.66 -14.44 3.74
CA SER B 79 -19.11 -14.44 3.61
C SER B 79 -19.79 -14.97 4.90
N GLU B 80 -19.12 -15.88 5.59
CA GLU B 80 -19.73 -16.65 6.69
C GLU B 80 -19.32 -16.24 8.11
N GLU B 81 -18.40 -15.26 8.20
CA GLU B 81 -17.93 -14.80 9.51
C GLU B 81 -18.17 -13.31 9.70
N GLY B 82 -19.26 -12.83 9.10
CA GLY B 82 -19.74 -11.50 9.37
C GLY B 82 -19.58 -10.52 8.23
N TYR B 83 -19.23 -11.00 7.05
CA TYR B 83 -18.96 -10.08 5.94
C TYR B 83 -19.68 -10.43 4.64
N GLY B 84 -20.71 -11.28 4.72
CA GLY B 84 -21.48 -11.68 3.52
C GLY B 84 -22.29 -10.55 2.90
N GLU B 85 -22.81 -9.67 3.75
CA GLU B 85 -23.51 -8.45 3.35
C GLU B 85 -22.59 -7.51 2.60
N LEU B 86 -21.40 -7.31 3.17
CA LEU B 86 -20.39 -6.43 2.61
C LEU B 86 -19.90 -7.00 1.29
N LEU B 87 -19.73 -8.32 1.24
CA LEU B 87 -19.40 -8.98 -0.02
C LEU B 87 -20.49 -8.79 -1.06
N ALA B 88 -21.74 -9.06 -0.68
CA ALA B 88 -22.85 -9.01 -1.64
C ALA B 88 -22.93 -7.61 -2.24
N SER B 89 -22.77 -6.60 -1.38
CA SER B 89 -22.78 -5.22 -1.81
C SER B 89 -21.68 -4.81 -2.83
N ALA B 90 -20.53 -5.49 -2.83
CA ALA B 90 -19.52 -5.19 -3.87
C ALA B 90 -19.96 -5.66 -5.26
N GLY B 91 -21.01 -6.43 -5.34
CA GLY B 91 -21.66 -6.62 -6.63
C GLY B 91 -21.97 -8.01 -7.12
N ASP B 92 -22.31 -8.03 -8.39
CA ASP B 92 -23.11 -9.06 -9.06
C ASP B 92 -22.28 -9.92 -10.00
N SER B 93 -21.07 -9.45 -10.31
CA SER B 93 -20.21 -10.11 -11.31
C SER B 93 -18.71 -9.89 -11.01
N LEU B 94 -17.85 -10.67 -11.65
CA LEU B 94 -16.40 -10.56 -11.42
C LEU B 94 -15.87 -9.16 -11.78
N PRO B 95 -16.23 -8.64 -12.98
CA PRO B 95 -15.80 -7.27 -13.27
C PRO B 95 -16.26 -6.23 -12.26
N GLU B 96 -17.54 -6.28 -11.83
CA GLU B 96 -18.07 -5.27 -10.88
C GLU B 96 -17.42 -5.35 -9.51
N PHE B 97 -17.35 -6.56 -8.96
CA PHE B 97 -16.64 -6.77 -7.68
C PHE B 97 -15.28 -6.07 -7.71
N MET B 98 -14.50 -6.32 -8.78
CA MET B 98 -13.15 -5.74 -8.86
C MET B 98 -13.16 -4.21 -8.96
N GLU B 99 -14.16 -3.66 -9.63
CA GLU B 99 -14.34 -2.21 -9.69
C GLU B 99 -14.68 -1.62 -8.31
N ASN B 100 -15.48 -2.34 -7.52
CA ASN B 100 -15.94 -1.90 -6.19
C ASN B 100 -14.94 -2.12 -5.08
N LEU B 101 -13.92 -2.92 -5.37
CA LEU B 101 -13.00 -3.44 -4.36
C LEU B 101 -12.30 -2.37 -3.55
N ASP B 102 -11.90 -1.27 -4.18
CA ASP B 102 -11.31 -0.15 -3.46
C ASP B 102 -12.37 0.49 -2.55
N ASN B 103 -13.59 0.64 -3.06
CA ASN B 103 -14.71 1.15 -2.24
C ASN B 103 -15.03 0.25 -1.06
N LEU B 104 -15.03 -1.06 -1.29
CA LEU B 104 -15.26 -2.02 -0.22
C LEU B 104 -14.21 -1.92 0.90
N HIS B 105 -12.94 -1.82 0.52
CA HIS B 105 -11.85 -1.61 1.49
C HIS B 105 -11.96 -0.29 2.25
N ALA B 106 -12.37 0.77 1.54
CA ALA B 106 -12.68 2.05 2.18
C ALA B 106 -13.72 1.88 3.31
N ARG B 107 -14.79 1.11 3.07
CA ARG B 107 -15.79 0.81 4.09
C ARG B 107 -15.23 0.05 5.26
N VAL B 108 -14.46 -0.98 4.96
CA VAL B 108 -13.82 -1.79 5.99
C VAL B 108 -12.82 -0.93 6.77
N GLY B 109 -12.15 -0.04 6.05
CA GLY B 109 -11.13 0.87 6.59
C GLY B 109 -11.63 1.74 7.73
N LEU B 110 -12.85 2.25 7.58
CA LEU B 110 -13.50 3.04 8.62
C LEU B 110 -13.67 2.26 9.93
N SER B 111 -14.15 1.02 9.83
CA SER B 111 -14.46 0.16 10.97
C SER B 111 -13.31 0.04 11.98
N PHE B 112 -12.16 -0.44 11.51
CA PHE B 112 -10.89 -0.18 12.23
C PHE B 112 -9.78 0.23 11.26
N PRO B 113 -9.35 1.48 11.38
CA PRO B 113 -8.47 2.22 10.46
C PRO B 113 -6.97 1.98 10.63
N GLN B 114 -6.58 0.77 11.02
CA GLN B 114 -5.17 0.36 10.83
C GLN B 114 -5.10 -0.55 9.59
N LEU B 115 -6.17 -0.52 8.79
CA LEU B 115 -6.24 -1.34 7.61
C LEU B 115 -5.31 -0.74 6.57
N ARG B 116 -4.53 -1.59 5.92
CA ARG B 116 -3.76 -1.11 4.77
C ARG B 116 -4.15 -1.89 3.54
N PRO B 117 -5.25 -1.45 2.91
CA PRO B 117 -5.84 -2.18 1.79
C PRO B 117 -5.02 -2.01 0.52
N PRO B 118 -4.94 -3.08 -0.30
CA PRO B 118 -4.24 -2.93 -1.58
C PRO B 118 -5.09 -2.12 -2.55
N ALA B 119 -4.48 -1.69 -3.65
CA ALA B 119 -5.21 -0.97 -4.65
C ALA B 119 -5.39 -1.86 -5.89
N PHE B 120 -6.60 -1.86 -6.45
CA PHE B 120 -6.88 -2.63 -7.64
C PHE B 120 -7.44 -1.72 -8.73
N GLU B 121 -6.74 -1.61 -9.86
CA GLU B 121 -7.27 -0.92 -11.05
C GLU B 121 -7.59 -1.90 -12.20
N CYS B 122 -8.71 -1.66 -12.87
CA CYS B 122 -9.18 -2.50 -13.95
C CYS B 122 -9.11 -1.72 -15.24
N GLN B 123 -8.54 -2.34 -16.26
CA GLN B 123 -8.63 -1.84 -17.61
C GLN B 123 -9.30 -2.96 -18.37
N HIS B 124 -10.60 -2.79 -18.57
CA HIS B 124 -11.41 -3.71 -19.35
C HIS B 124 -11.01 -3.61 -20.81
N THR B 125 -10.68 -4.77 -21.37
CA THR B 125 -10.11 -4.89 -22.70
C THR B 125 -11.20 -5.40 -23.67
N SER B 126 -12.23 -6.00 -23.10
CA SER B 126 -13.43 -6.37 -23.82
C SER B 126 -14.56 -6.57 -22.81
N SER B 127 -15.71 -6.98 -23.33
CA SER B 127 -16.85 -7.40 -22.54
C SER B 127 -16.57 -8.67 -21.71
N LYS B 128 -15.44 -9.33 -21.97
CA LYS B 128 -15.08 -10.62 -21.36
C LYS B 128 -13.63 -10.73 -20.76
N SER B 129 -12.92 -9.62 -20.64
CA SER B 129 -11.51 -9.64 -20.25
C SER B 129 -11.04 -8.32 -19.68
N MET B 130 -9.93 -8.38 -18.95
CA MET B 130 -9.35 -7.16 -18.38
C MET B 130 -7.86 -7.33 -18.04
N GLU B 131 -7.20 -6.20 -17.83
CA GLU B 131 -5.89 -6.18 -17.21
C GLU B 131 -6.06 -5.65 -15.79
N LEU B 132 -5.63 -6.46 -14.82
CA LEU B 132 -5.74 -6.09 -13.41
C LEU B 132 -4.39 -5.62 -12.86
N HIS B 133 -4.40 -4.47 -12.23
CA HIS B 133 -3.19 -3.90 -11.62
C HIS B 133 -3.36 -4.02 -10.13
N TYR B 134 -2.43 -4.73 -9.49
CA TYR B 134 -2.56 -5.02 -8.06
C TYR B 134 -1.41 -4.36 -7.31
N GLN B 135 -1.73 -3.33 -6.54
CA GLN B 135 -0.72 -2.54 -5.87
C GLN B 135 -0.82 -2.76 -4.35
N SER B 136 0.26 -3.17 -3.72
CA SER B 136 0.17 -3.60 -2.31
C SER B 136 1.25 -3.02 -1.43
N THR B 137 0.97 -2.93 -0.13
CA THR B 137 1.97 -2.55 0.82
C THR B 137 2.78 -3.79 1.18
N ARG B 138 2.23 -4.95 0.80
CA ARG B 138 2.80 -6.24 1.16
C ARG B 138 3.39 -6.98 -0.03
N ALA B 139 4.49 -7.69 0.24
CA ALA B 139 5.16 -8.51 -0.74
C ALA B 139 4.66 -9.94 -0.62
N GLY B 140 4.73 -10.68 -1.72
CA GLY B 140 4.41 -12.09 -1.69
C GLY B 140 3.00 -12.56 -1.95
N LEU B 141 2.03 -11.65 -2.05
CA LEU B 141 0.63 -12.10 -2.03
C LEU B 141 -0.03 -12.27 -3.38
N ALA B 142 0.75 -12.20 -4.46
CA ALA B 142 0.19 -12.43 -5.78
C ALA B 142 -0.50 -13.78 -5.90
N PRO B 143 0.11 -14.86 -5.33
CA PRO B 143 -0.53 -16.16 -5.49
C PRO B 143 -1.89 -16.18 -4.79
N MET B 144 -2.00 -15.41 -3.73
CA MET B 144 -3.27 -15.28 -3.03
C MET B 144 -4.30 -14.50 -3.87
N VAL B 145 -3.82 -13.50 -4.62
CA VAL B 145 -4.71 -12.79 -5.54
C VAL B 145 -5.22 -13.73 -6.65
N LEU B 146 -4.39 -14.67 -7.09
CA LEU B 146 -4.88 -15.66 -8.04
C LEU B 146 -6.04 -16.46 -7.44
N GLY B 147 -5.86 -16.96 -6.21
CA GLY B 147 -6.91 -17.73 -5.53
C GLY B 147 -8.17 -16.90 -5.34
N LEU B 148 -7.99 -15.67 -4.85
CA LEU B 148 -9.07 -14.73 -4.68
C LEU B 148 -9.90 -14.64 -5.96
N LEU B 149 -9.22 -14.59 -7.10
CA LEU B 149 -9.90 -14.45 -8.39
C LEU B 149 -10.73 -15.69 -8.74
N HIS B 150 -10.20 -16.87 -8.41
CA HIS B 150 -10.92 -18.13 -8.62
C HIS B 150 -12.03 -18.31 -7.59
N GLY B 151 -11.87 -17.70 -6.42
CA GLY B 151 -12.94 -17.68 -5.43
C GLY B 151 -14.13 -16.89 -5.94
N LEU B 152 -13.87 -15.70 -6.47
CA LEU B 152 -14.91 -14.84 -7.09
C LEU B 152 -15.59 -15.51 -8.27
N GLY B 153 -14.79 -16.20 -9.09
CA GLY B 153 -15.33 -17.02 -10.17
C GLY B 153 -16.31 -18.06 -9.68
N LYS B 154 -15.95 -18.76 -8.61
CA LYS B 154 -16.87 -19.71 -8.01
C LYS B 154 -18.12 -18.98 -7.53
N ARG B 155 -17.93 -17.92 -6.72
CA ARG B 155 -19.01 -17.08 -6.18
C ARG B 155 -20.04 -16.65 -7.25
N PHE B 156 -19.57 -16.31 -8.47
CA PHE B 156 -20.44 -15.82 -9.57
C PHE B 156 -20.67 -16.85 -10.70
N GLN B 157 -20.35 -18.12 -10.44
CA GLN B 157 -20.27 -19.15 -11.50
C GLN B 157 -19.75 -18.55 -12.81
N THR B 158 -18.49 -18.15 -12.76
CA THR B 158 -17.82 -17.49 -13.88
C THR B 158 -16.53 -18.26 -14.01
N LYS B 159 -16.24 -18.73 -15.22
CA LYS B 159 -14.97 -19.37 -15.52
C LYS B 159 -13.92 -18.26 -15.57
N VAL B 160 -12.79 -18.44 -14.90
CA VAL B 160 -11.72 -17.43 -14.91
C VAL B 160 -10.38 -17.97 -15.41
N GLU B 161 -9.78 -17.27 -16.37
CA GLU B 161 -8.42 -17.59 -16.81
C GLU B 161 -7.55 -16.37 -16.50
N VAL B 162 -6.57 -16.55 -15.62
CA VAL B 162 -5.73 -15.46 -15.09
C VAL B 162 -4.26 -15.84 -15.29
N THR B 163 -3.48 -14.93 -15.84
CA THR B 163 -2.04 -15.11 -15.98
C THR B 163 -1.33 -13.83 -15.48
N GLN B 164 -0.28 -14.00 -14.71
CA GLN B 164 0.43 -12.84 -14.17
C GLN B 164 1.40 -12.32 -15.19
N THR B 165 1.38 -11.02 -15.49
CA THR B 165 2.24 -10.50 -16.57
C THR B 165 3.29 -9.49 -16.15
N ALA B 166 3.23 -9.05 -14.89
CA ALA B 166 4.28 -8.24 -14.26
C ALA B 166 4.44 -8.70 -12.82
N PHE B 167 5.60 -8.42 -12.23
CA PHE B 167 6.02 -9.06 -10.97
C PHE B 167 6.73 -8.05 -10.04
N ARG B 168 6.02 -7.61 -9.00
CA ARG B 168 6.57 -6.75 -7.93
C ARG B 168 7.88 -7.33 -7.40
N GLU B 169 7.85 -8.62 -7.08
CA GLU B 169 8.98 -9.43 -6.59
C GLU B 169 10.30 -9.19 -7.32
N THR B 170 10.24 -8.82 -8.59
CA THR B 170 11.46 -8.61 -9.40
C THR B 170 11.95 -7.17 -9.29
N GLY B 171 11.08 -6.29 -8.79
CA GLY B 171 11.37 -4.87 -8.69
C GLY B 171 10.52 -4.01 -9.62
N GLU B 172 9.72 -4.68 -10.47
CA GLU B 172 8.69 -3.98 -11.25
C GLU B 172 7.75 -3.23 -10.30
N ASP B 173 7.16 -2.14 -10.77
CA ASP B 173 6.33 -1.31 -9.91
C ASP B 173 5.29 -2.13 -9.14
N HIS B 174 4.55 -2.97 -9.86
CA HIS B 174 3.45 -3.70 -9.23
C HIS B 174 3.05 -4.91 -10.03
N ASP B 175 2.39 -5.87 -9.40
CA ASP B 175 1.89 -7.06 -10.11
C ASP B 175 0.78 -6.69 -11.08
N ILE B 176 0.76 -7.34 -12.24
CA ILE B 176 -0.28 -7.12 -13.24
C ILE B 176 -0.72 -8.50 -13.69
N PHE B 177 -2.02 -8.65 -13.94
CA PHE B 177 -2.60 -9.89 -14.45
C PHE B 177 -3.42 -9.60 -15.69
N SER B 178 -3.42 -10.53 -16.62
CA SER B 178 -4.38 -10.49 -17.71
C SER B 178 -5.43 -11.52 -17.33
N ILE B 179 -6.70 -11.14 -17.47
CA ILE B 179 -7.83 -11.98 -17.05
C ILE B 179 -8.87 -12.11 -18.16
N LYS B 180 -9.34 -13.34 -18.37
CA LYS B 180 -10.42 -13.66 -19.28
C LYS B 180 -11.45 -14.41 -18.46
N TYR B 181 -12.72 -14.14 -18.68
CA TYR B 181 -13.77 -14.81 -17.91
C TYR B 181 -15.06 -15.07 -18.72
N GLU B 182 -15.75 -16.18 -18.40
CA GLU B 182 -17.10 -16.51 -18.92
C GLU B 182 -17.68 -15.38 -19.79
#